data_4R2A
#
_entry.id   4R2A
#
_cell.length_a   43.990
_cell.length_b   56.208
_cell.length_c   130.219
_cell.angle_alpha   90.00
_cell.angle_beta   90.00
_cell.angle_gamma   90.00
#
_symmetry.space_group_name_H-M   'C 2 2 21'
#
loop_
_entity.id
_entity.type
_entity.pdbx_description
1 polymer 'Early growth response protein 1'
2 polymer "DNA (5'-D(*AP*GP*CP*GP*TP*GP*GP*GP*(5CM)P*GP*T)-3')"
3 polymer "DNA (5'-D(*TP*AP*(5CM)P*GP*CP*CP*CP*AP*CP*GP*C)-3')"
4 non-polymer 1,2-ETHANEDIOL
5 non-polymer 'ZINC ION'
6 water water
#
loop_
_entity_poly.entity_id
_entity_poly.type
_entity_poly.pdbx_seq_one_letter_code
_entity_poly.pdbx_strand_id
1 'polypeptide(L)'
;GPLGSERPYACPVESCDRRFSRSDELTRHIRIHTGQKPFQCRICMRNFSRSDHLTTHIRTHTGEKPFACDICGRKFARSD
ERKRHTKIHLRQKD
;
A
2 'polydeoxyribonucleotide' (DA)(DG)(DC)(DG)(DT)(DG)(DG)(DG)(5CM)(DG)(DT) B
3 'polydeoxyribonucleotide' (DT)(DA)(5CM)(DG)(DC)(DC)(DC)(DA)(DC)(DG)(DC) C
#
# COMPACT_ATOMS: atom_id res chain seq x y z
N GLU A 6 -19.58 -15.68 -8.46
CA GLU A 6 -19.20 -15.42 -7.07
C GLU A 6 -19.02 -13.93 -6.83
N ARG A 7 -18.14 -13.59 -5.89
CA ARG A 7 -18.01 -12.23 -5.37
C ARG A 7 -19.34 -11.69 -4.85
N PRO A 8 -19.83 -12.27 -3.74
CA PRO A 8 -21.16 -11.87 -3.24
C PRO A 8 -21.17 -10.54 -2.50
N TYR A 9 -20.01 -9.94 -2.24
CA TYR A 9 -20.02 -8.72 -1.47
C TYR A 9 -19.95 -7.47 -2.34
N ALA A 10 -21.12 -6.90 -2.68
CA ALA A 10 -21.16 -5.72 -3.55
C ALA A 10 -21.20 -4.41 -2.77
N CYS A 11 -20.51 -3.38 -3.29
CA CYS A 11 -20.53 -2.04 -2.71
C CYS A 11 -21.91 -1.44 -2.92
N PRO A 12 -22.51 -0.91 -1.85
CA PRO A 12 -23.87 -0.40 -2.02
C PRO A 12 -23.94 1.11 -2.29
N VAL A 13 -22.80 1.77 -2.44
CA VAL A 13 -22.79 3.19 -2.81
C VAL A 13 -23.24 3.32 -4.25
N GLU A 14 -24.04 4.36 -4.53
CA GLU A 14 -24.84 4.46 -5.77
C GLU A 14 -24.11 4.18 -7.06
N SER A 15 -23.11 4.99 -7.35
CA SER A 15 -22.45 4.96 -8.65
C SER A 15 -21.26 4.01 -8.65
N CYS A 16 -21.20 3.14 -7.65
CA CYS A 16 -20.10 2.20 -7.51
C CYS A 16 -20.55 0.77 -7.81
N ASP A 17 -19.81 0.12 -8.72
CA ASP A 17 -20.13 -1.23 -9.16
C ASP A 17 -19.13 -2.29 -8.68
N ARG A 18 -18.27 -1.96 -7.73
CA ARG A 18 -17.23 -2.89 -7.29
C ARG A 18 -17.87 -4.05 -6.52
N ARG A 19 -17.32 -5.26 -6.67
CA ARG A 19 -17.80 -6.44 -5.94
C ARG A 19 -16.62 -7.26 -5.47
N PHE A 20 -16.77 -7.94 -4.33
CA PHE A 20 -15.63 -8.62 -3.72
C PHE A 20 -15.95 -10.04 -3.25
N SER A 21 -14.92 -10.87 -3.19
CA SER A 21 -15.05 -12.26 -2.75
C SER A 21 -15.13 -12.38 -1.22
N ARG A 22 -14.54 -11.40 -0.55
CA ARG A 22 -14.47 -11.41 0.90
C ARG A 22 -15.15 -10.21 1.55
N SER A 23 -15.84 -10.48 2.64
CA SER A 23 -16.47 -9.44 3.45
C SER A 23 -15.50 -8.32 3.81
N ASP A 24 -14.30 -8.69 4.27
CA ASP A 24 -13.35 -7.68 4.75
C ASP A 24 -12.85 -6.79 3.63
N GLU A 25 -12.87 -7.31 2.40
CA GLU A 25 -12.51 -6.52 1.22
C GLU A 25 -13.46 -5.37 1.00
N LEU A 26 -14.74 -5.66 1.22
CA LEU A 26 -15.76 -4.64 1.04
C LEU A 26 -15.64 -3.59 2.16
N THR A 27 -15.39 -4.06 3.38
CA THR A 27 -15.24 -3.14 4.52
C THR A 27 -14.05 -2.19 4.28
N ARG A 28 -12.97 -2.71 3.73
CA ARG A 28 -11.80 -1.89 3.39
C ARG A 28 -12.15 -0.93 2.27
N HIS A 29 -12.79 -1.47 1.25
CA HIS A 29 -13.11 -0.67 0.07
C HIS A 29 -14.01 0.52 0.41
N ILE A 30 -14.96 0.30 1.30
CA ILE A 30 -15.98 1.31 1.57
C ILE A 30 -15.32 2.55 2.21
N ARG A 31 -14.10 2.39 2.76
CA ARG A 31 -13.40 3.54 3.31
C ARG A 31 -13.09 4.58 2.23
N ILE A 32 -13.10 4.18 0.96
CA ILE A 32 -12.87 5.15 -0.12
C ILE A 32 -14.01 6.15 -0.13
N HIS A 33 -15.18 5.66 0.26
CA HIS A 33 -16.38 6.50 0.21
C HIS A 33 -16.58 7.26 1.50
N THR A 34 -16.24 6.63 2.62
CA THR A 34 -16.43 7.28 3.91
C THR A 34 -15.31 8.25 4.20
N GLY A 35 -14.18 8.05 3.53
CA GLY A 35 -13.02 8.91 3.70
C GLY A 35 -12.27 8.58 4.98
N GLN A 36 -12.66 7.48 5.62
CA GLN A 36 -12.07 7.08 6.89
C GLN A 36 -10.61 6.76 6.67
N LYS A 37 -9.75 7.41 7.43
CA LYS A 37 -8.32 7.14 7.39
C LYS A 37 -7.84 6.90 8.81
N PRO A 38 -7.97 5.67 9.31
CA PRO A 38 -7.79 5.40 10.73
C PRO A 38 -6.34 5.37 11.24
N PHE A 39 -5.36 5.40 10.34
CA PHE A 39 -4.00 5.15 10.76
C PHE A 39 -3.13 6.38 10.57
N GLN A 40 -2.71 6.97 11.68
CA GLN A 40 -1.97 8.23 11.63
C GLN A 40 -0.48 8.05 11.83
N CYS A 41 0.28 8.73 10.99
CA CYS A 41 1.73 8.85 11.19
C CYS A 41 2.01 9.79 12.35
N ARG A 42 2.74 9.31 13.35
CA ARG A 42 3.12 10.11 14.51
C ARG A 42 4.10 11.23 14.16
N ILE A 43 4.80 11.08 13.06
CA ILE A 43 5.88 11.98 12.76
C ILE A 43 5.35 13.23 12.06
N CYS A 44 4.53 13.04 11.04
CA CYS A 44 4.02 14.19 10.27
C CYS A 44 2.51 14.40 10.46
N MET A 45 1.85 13.49 11.17
CA MET A 45 0.40 13.54 11.48
C MET A 45 -0.54 13.29 10.28
N ARG A 46 0.02 12.88 9.14
CA ARG A 46 -0.83 12.52 8.01
C ARG A 46 -1.60 11.25 8.34
N ASN A 47 -2.85 11.18 7.86
CA ASN A 47 -3.71 10.03 8.10
C ASN A 47 -3.75 9.12 6.87
N PHE A 48 -3.89 7.82 7.10
CA PHE A 48 -3.85 6.82 6.03
C PHE A 48 -4.99 5.82 6.12
N SER A 49 -5.45 5.33 4.96
CA SER A 49 -6.56 4.39 4.94
C SER A 49 -6.14 3.03 5.46
N ARG A 50 -4.86 2.71 5.36
CA ARG A 50 -4.40 1.33 5.60
C ARG A 50 -3.15 1.24 6.44
N SER A 51 -3.14 0.27 7.36
CA SER A 51 -2.02 0.11 8.27
C SER A 51 -0.75 -0.23 7.53
N ASP A 52 -0.86 -1.00 6.44
CA ASP A 52 0.34 -1.45 5.76
C ASP A 52 0.93 -0.28 4.98
N HIS A 53 0.10 0.60 4.44
CA HIS A 53 0.66 1.77 3.77
C HIS A 53 1.23 2.80 4.77
N LEU A 54 0.68 2.86 5.98
CA LEU A 54 1.28 3.72 7.00
C LEU A 54 2.71 3.23 7.26
N THR A 55 2.90 1.92 7.38
CA THR A 55 4.25 1.39 7.69
C THR A 55 5.28 1.78 6.64
N THR A 56 4.92 1.64 5.36
CA THR A 56 5.89 2.02 4.34
C THR A 56 6.06 3.54 4.28
N HIS A 57 4.98 4.28 4.46
CA HIS A 57 5.10 5.74 4.57
C HIS A 57 6.11 6.18 5.62
N ILE A 58 6.07 5.55 6.79
CA ILE A 58 7.00 5.96 7.87
C ILE A 58 8.47 5.81 7.47
N ARG A 59 8.78 4.86 6.59
CA ARG A 59 10.17 4.75 6.13
C ARG A 59 10.64 5.99 5.37
N THR A 60 9.71 6.81 4.88
CA THR A 60 10.12 8.05 4.22
C THR A 60 10.79 8.99 5.23
N HIS A 61 10.43 8.88 6.50
CA HIS A 61 10.99 9.73 7.55
C HIS A 61 12.28 9.15 8.14
N THR A 62 12.29 7.83 8.30
CA THR A 62 13.38 7.15 9.02
C THR A 62 14.53 6.81 8.10
N GLY A 63 14.27 6.70 6.81
CA GLY A 63 15.29 6.29 5.88
C GLY A 63 15.50 4.78 5.87
N GLU A 64 14.64 4.03 6.57
CA GLU A 64 14.75 2.57 6.55
C GLU A 64 14.55 2.02 5.15
N LYS A 65 15.48 1.17 4.71
CA LYS A 65 15.41 0.59 3.37
C LYS A 65 15.75 -0.90 3.42
N PRO A 66 14.75 -1.74 3.71
CA PRO A 66 15.04 -3.16 3.96
C PRO A 66 15.38 -4.00 2.74
N PHE A 67 15.13 -3.50 1.53
CA PHE A 67 15.16 -4.37 0.35
C PHE A 67 16.33 -4.03 -0.58
N ALA A 68 17.32 -4.91 -0.58
CA ALA A 68 18.53 -4.68 -1.37
C ALA A 68 18.51 -5.45 -2.67
N CYS A 69 18.92 -4.80 -3.75
CA CYS A 69 19.06 -5.45 -5.04
C CYS A 69 20.09 -6.58 -5.00
N ASP A 70 19.73 -7.77 -5.50
CA ASP A 70 20.66 -8.91 -5.55
C ASP A 70 21.90 -8.65 -6.44
N ILE A 71 21.75 -7.81 -7.45
CA ILE A 71 22.83 -7.57 -8.42
C ILE A 71 23.81 -6.52 -7.90
N CYS A 72 23.29 -5.39 -7.40
CA CYS A 72 24.16 -4.24 -7.10
C CYS A 72 24.10 -3.76 -5.64
N GLY A 73 23.15 -4.30 -4.87
CA GLY A 73 23.07 -3.95 -3.46
C GLY A 73 22.30 -2.68 -3.16
N ARG A 74 21.81 -1.98 -4.17
CA ARG A 74 21.06 -0.72 -3.92
C ARG A 74 19.84 -1.04 -3.06
N LYS A 75 19.58 -0.19 -2.05
CA LYS A 75 18.50 -0.48 -1.09
C LYS A 75 17.26 0.36 -1.34
N PHE A 76 16.11 -0.21 -0.99
CA PHE A 76 14.80 0.43 -1.23
C PHE A 76 13.91 0.27 -0.03
N ALA A 77 13.04 1.26 0.18
CA ALA A 77 12.05 1.17 1.25
C ALA A 77 11.01 0.08 1.02
N ARG A 78 10.67 -0.22 -0.22
CA ARG A 78 9.61 -1.19 -0.53
C ARG A 78 10.06 -2.29 -1.48
N SER A 79 9.47 -3.47 -1.30
CA SER A 79 9.81 -4.62 -2.13
C SER A 79 9.54 -4.32 -3.61
N ASP A 80 8.46 -3.59 -3.88
CA ASP A 80 8.07 -3.34 -5.27
C ASP A 80 8.99 -2.32 -5.92
N GLU A 81 9.59 -1.46 -5.12
CA GLU A 81 10.65 -0.55 -5.63
CA GLU A 81 10.62 -0.55 -5.66
C GLU A 81 11.84 -1.36 -6.07
N ARG A 82 12.24 -2.30 -5.23
CA ARG A 82 13.37 -3.14 -5.60
CA ARG A 82 13.36 -3.17 -5.57
C ARG A 82 13.05 -3.93 -6.84
N LYS A 83 11.82 -4.48 -6.90
CA LYS A 83 11.41 -5.28 -8.08
C LYS A 83 11.52 -4.47 -9.40
N ARG A 84 11.03 -3.23 -9.38
CA ARG A 84 11.10 -2.36 -10.54
C ARG A 84 12.53 -2.05 -10.92
N HIS A 85 13.38 -1.94 -9.89
CA HIS A 85 14.79 -1.67 -10.09
C HIS A 85 15.57 -2.85 -10.71
N THR A 86 15.36 -4.07 -10.19
CA THR A 86 16.26 -5.18 -10.57
C THR A 86 16.30 -5.39 -12.06
N LYS A 87 15.15 -5.20 -12.72
CA LYS A 87 15.16 -5.40 -14.16
C LYS A 87 15.98 -4.43 -14.98
N ILE A 88 16.47 -3.33 -14.41
CA ILE A 88 17.33 -2.46 -15.21
C ILE A 88 18.66 -3.14 -15.52
N HIS A 89 18.98 -4.21 -14.79
CA HIS A 89 20.26 -4.91 -15.03
C HIS A 89 20.21 -5.89 -16.21
N LEU A 90 19.04 -6.07 -16.82
CA LEU A 90 18.95 -6.90 -18.06
C LEU A 90 19.71 -6.28 -19.25
N ARG A 91 19.95 -7.09 -20.29
CA ARG A 91 20.84 -6.70 -21.38
C ARG A 91 20.26 -5.53 -22.13
#